data_8EXB
#
_entry.id   8EXB
#
_cell.length_a   77.230
_cell.length_b   99.520
_cell.length_c   130.560
_cell.angle_alpha   90.00
_cell.angle_beta   90.00
_cell.angle_gamma   90.00
#
_symmetry.space_group_name_H-M   'I 2 2 2'
#
loop_
_entity.id
_entity.type
_entity.pdbx_description
1 polymer 'Cytochrome P450 3A4'
2 non-polymer 'PROTOPORPHYRIN IX CONTAINING FE'
3 non-polymer "{N-[([2,2'-bipyridin]-5-yl-kappa~2~N~1~,N~1'~)methyl]-3-(pyridin-3-yl)propanamide}bis[2-(quinolin-2-yl-kappaN)-1-benzothiophen-3-yl-kappaC~3~]iridium(1+)"
4 water water
#
_entity_poly.entity_id   1
_entity_poly.type   'polypeptide(L)'
_entity_poly.pdbx_seq_one_letter_code
;MAYLYGTHSHGLFKKLGIPGPTPLPFLGNILSYHKGFCMFDMECHKKYGKVWGFYDGQQPVLAITDPDMIKTVLVKECYS
VFTNRRPFGPVGFMKSAISIAEDEEWKRLRSLLSPTFTSGKLKEMVPIIAQYGDVLVRNLRREAETGKPVTLKDVFGAYS
MDVITSTSFGVNIDSLNNPQDPFVENTKKLLRFDFLDPFFLSITVFPFLIPILEVLNICVFPREVTNFLRKSVKRMKESR
LEDTQKHRVDFLQLMIDSQNSKETESHKALSDLELVAQSIIFIFAGYETTSSVLSFIMYELATHPDVQQKLQEEIDAVLP
NKAPPTYDTVLQMEYLDMVVNETLRLFPIAMRLERVCKKDVEINGMFIPKGVVVMIPSYALHRDPKYWTEPEKFLPERFS
KKNKDNIDPYIYTPFGSGPRNCIGMRFALMNMKLALIRVLQNFSFKPCKETQIPLKLSLGGLLQPEKPVVLKVESRDGTV
SGAHHHH
;
_entity_poly.pdbx_strand_id   A
#
loop_
_chem_comp.id
_chem_comp.type
_chem_comp.name
_chem_comp.formula
HEM non-polymer 'PROTOPORPHYRIN IX CONTAINING FE' 'C34 H32 Fe N4 O4'
X4E non-polymer {N-[([2,2'-bipyridin]-5-yl-kappa~2~N~1~,N~1'~)methyl]-3-(pyridin-3-yl)propanamide}bis[2-(quinolin-2-yl-kappaN)-1-benzothiophen-3-yl-kappaC~3~]iridium(1+) 'C53 H38 Ir N6 O S2 1'
#
# COMPACT_ATOMS: atom_id res chain seq x y z
N SER A 9 9.86 21.51 -22.59
CA SER A 9 9.36 20.14 -22.45
C SER A 9 7.84 20.12 -22.38
N HIS A 10 7.24 21.29 -22.11
CA HIS A 10 5.80 21.40 -21.94
C HIS A 10 5.03 21.35 -23.25
N GLY A 11 5.69 21.12 -24.38
CA GLY A 11 5.02 20.91 -25.64
C GLY A 11 5.02 19.47 -26.11
N LEU A 12 5.38 18.51 -25.26
CA LEU A 12 5.54 17.13 -25.70
C LEU A 12 4.21 16.52 -26.13
N PHE A 13 3.23 16.49 -25.22
CA PHE A 13 1.95 15.87 -25.52
C PHE A 13 1.18 16.62 -26.61
N LYS A 14 1.46 17.90 -26.79
CA LYS A 14 0.85 18.62 -27.90
C LYS A 14 1.39 18.13 -29.23
N LYS A 15 2.68 17.77 -29.28
CA LYS A 15 3.29 17.26 -30.51
C LYS A 15 2.96 15.79 -30.74
N LEU A 16 2.70 15.04 -29.67
CA LEU A 16 2.29 13.65 -29.78
C LEU A 16 0.83 13.49 -30.17
N GLY A 17 0.05 14.58 -30.17
CA GLY A 17 -1.38 14.45 -30.37
C GLY A 17 -2.12 13.88 -29.18
N ILE A 18 -1.52 13.93 -28.01
CA ILE A 18 -2.08 13.34 -26.80
C ILE A 18 -2.76 14.45 -25.99
N PRO A 19 -4.03 14.31 -25.63
CA PRO A 19 -4.73 15.37 -24.91
C PRO A 19 -4.29 15.45 -23.45
N GLY A 20 -4.66 16.54 -22.80
CA GLY A 20 -4.33 16.74 -21.41
C GLY A 20 -4.55 18.17 -20.96
N PRO A 21 -4.49 18.38 -19.64
CA PRO A 21 -4.67 19.74 -19.11
C PRO A 21 -3.48 20.63 -19.45
N THR A 22 -3.77 21.85 -19.87
CA THR A 22 -2.74 22.80 -20.26
C THR A 22 -1.84 23.11 -19.08
N PRO A 23 -0.53 22.90 -19.18
CA PRO A 23 0.36 23.13 -18.04
C PRO A 23 0.78 24.58 -17.93
N LEU A 24 1.07 24.99 -16.70
CA LEU A 24 1.61 26.31 -16.43
C LEU A 24 3.14 26.25 -16.48
N PRO A 25 3.79 27.36 -16.84
CA PRO A 25 5.25 27.39 -16.81
C PRO A 25 5.79 27.06 -15.42
N PHE A 26 6.90 26.31 -15.40
CA PHE A 26 7.58 25.86 -14.17
C PHE A 26 6.75 24.86 -13.39
N LEU A 27 5.51 25.21 -13.05
CA LEU A 27 4.71 24.36 -12.17
C LEU A 27 4.16 23.13 -12.87
N GLY A 28 3.82 23.24 -14.15
CA GLY A 28 3.17 22.13 -14.83
C GLY A 28 1.69 22.11 -14.51
N ASN A 29 1.17 20.95 -14.13
CA ASN A 29 -0.23 20.81 -13.74
C ASN A 29 -0.40 20.55 -12.24
N ILE A 30 0.65 20.77 -11.44
CA ILE A 30 0.62 20.40 -10.04
C ILE A 30 -0.42 21.19 -9.25
N LEU A 31 -0.85 22.35 -9.74
CA LEU A 31 -1.87 23.10 -9.03
C LEU A 31 -3.21 22.38 -9.05
N SER A 32 -3.44 21.52 -10.05
CA SER A 32 -4.65 20.72 -10.10
C SER A 32 -4.66 19.60 -9.06
N TYR A 33 -3.61 19.49 -8.23
CA TYR A 33 -3.59 18.57 -7.11
C TYR A 33 -4.26 19.13 -5.86
N HIS A 34 -4.90 20.30 -5.96
CA HIS A 34 -5.58 20.87 -4.80
C HIS A 34 -6.70 19.97 -4.31
N LYS A 35 -7.31 19.20 -5.21
CA LYS A 35 -8.33 18.22 -4.88
C LYS A 35 -7.74 16.87 -4.52
N GLY A 36 -6.42 16.76 -4.42
CA GLY A 36 -5.75 15.48 -4.31
C GLY A 36 -5.61 14.83 -5.67
N PHE A 37 -4.54 14.08 -5.89
CA PHE A 37 -4.28 13.57 -7.23
C PHE A 37 -5.16 12.37 -7.59
N CYS A 38 -5.92 11.82 -6.64
CA CYS A 38 -6.90 10.80 -7.00
C CYS A 38 -8.11 11.41 -7.70
N MET A 39 -8.58 12.56 -7.22
CA MET A 39 -9.65 13.28 -7.91
C MET A 39 -9.16 13.83 -9.24
N PHE A 40 -7.90 14.26 -9.29
CA PHE A 40 -7.32 14.74 -10.55
C PHE A 40 -7.34 13.64 -11.61
N ASP A 41 -6.97 12.42 -11.22
CA ASP A 41 -6.95 11.31 -12.17
C ASP A 41 -8.36 10.96 -12.65
N MET A 42 -9.34 10.98 -11.74
CA MET A 42 -10.70 10.64 -12.14
C MET A 42 -11.28 11.68 -13.09
N GLU A 43 -11.04 12.96 -12.82
CA GLU A 43 -11.55 14.01 -13.70
C GLU A 43 -10.85 13.99 -15.04
N CYS A 44 -9.53 13.74 -15.05
CA CYS A 44 -8.80 13.66 -16.31
C CYS A 44 -9.29 12.49 -17.15
N HIS A 45 -9.54 11.34 -16.51
CA HIS A 45 -10.07 10.19 -17.25
C HIS A 45 -11.43 10.52 -17.86
N LYS A 46 -12.31 11.16 -17.09
CA LYS A 46 -13.63 11.53 -17.57
C LYS A 46 -13.57 12.53 -18.71
N LYS A 47 -12.59 13.44 -18.67
CA LYS A 47 -12.54 14.53 -19.64
C LYS A 47 -11.77 14.17 -20.91
N TYR A 48 -10.70 13.38 -20.78
CA TYR A 48 -9.80 13.14 -21.89
C TYR A 48 -9.86 11.73 -22.47
N GLY A 49 -10.46 10.80 -21.77
CA GLY A 49 -10.77 9.49 -22.33
C GLY A 49 -9.75 8.43 -21.93
N LYS A 50 -9.27 7.67 -22.92
CA LYS A 50 -8.48 6.48 -22.64
C LYS A 50 -7.06 6.81 -22.23
N VAL A 51 -6.47 7.87 -22.81
CA VAL A 51 -5.09 8.25 -22.55
C VAL A 51 -5.02 9.77 -22.43
N TRP A 52 -4.15 10.25 -21.54
CA TRP A 52 -3.90 11.69 -21.43
C TRP A 52 -2.52 11.89 -20.82
N GLY A 53 -2.04 13.13 -20.91
CA GLY A 53 -0.73 13.48 -20.39
C GLY A 53 -0.79 14.78 -19.61
N PHE A 54 0.10 14.88 -18.63
CA PHE A 54 0.22 16.08 -17.80
C PHE A 54 1.66 16.17 -17.33
N TYR A 55 1.97 17.24 -16.59
CA TYR A 55 3.33 17.54 -16.19
C TYR A 55 3.41 17.75 -14.68
N ASP A 56 4.29 16.98 -14.03
CA ASP A 56 4.69 17.25 -12.66
C ASP A 56 5.92 18.15 -12.72
N GLY A 57 5.70 19.45 -12.60
CA GLY A 57 6.75 20.41 -12.84
C GLY A 57 7.11 20.42 -14.31
N GLN A 58 8.32 19.94 -14.64
CA GLN A 58 8.73 19.72 -16.03
C GLN A 58 8.60 18.26 -16.44
N GLN A 59 8.39 17.37 -15.49
CA GLN A 59 8.34 15.93 -15.79
C GLN A 59 7.06 15.56 -16.52
N PRO A 60 7.12 15.09 -17.77
CA PRO A 60 5.91 14.63 -18.44
C PRO A 60 5.46 13.28 -17.91
N VAL A 61 4.16 13.14 -17.72
CA VAL A 61 3.57 11.91 -17.20
C VAL A 61 2.44 11.49 -18.14
N LEU A 62 2.50 10.25 -18.61
CA LEU A 62 1.50 9.71 -19.53
C LEU A 62 0.63 8.70 -18.78
N ALA A 63 -0.66 8.98 -18.69
CA ALA A 63 -1.59 8.09 -18.01
C ALA A 63 -2.27 7.19 -19.04
N ILE A 64 -2.30 5.89 -18.74
CA ILE A 64 -2.89 4.90 -19.64
C ILE A 64 -3.94 4.11 -18.88
N THR A 65 -5.02 3.73 -19.58
CA THR A 65 -6.11 3.00 -18.96
C THR A 65 -6.51 1.74 -19.73
N ASP A 66 -5.94 1.49 -20.90
CA ASP A 66 -6.29 0.31 -21.68
C ASP A 66 -5.64 -0.93 -21.08
N PRO A 67 -6.42 -1.98 -20.79
CA PRO A 67 -5.84 -3.16 -20.12
C PRO A 67 -4.74 -3.82 -20.91
N ASP A 68 -4.89 -3.89 -22.25
CA ASP A 68 -3.83 -4.44 -23.08
C ASP A 68 -2.53 -3.67 -22.90
N MET A 69 -2.62 -2.33 -22.92
CA MET A 69 -1.44 -1.49 -22.81
C MET A 69 -0.84 -1.54 -21.41
N ILE A 70 -1.69 -1.68 -20.39
CA ILE A 70 -1.19 -1.78 -19.02
C ILE A 70 -0.37 -3.06 -18.85
N LYS A 71 -0.88 -4.18 -19.38
CA LYS A 71 -0.16 -5.45 -19.29
C LYS A 71 1.16 -5.39 -20.05
N THR A 72 1.21 -4.63 -21.15
CA THR A 72 2.47 -4.49 -21.88
C THR A 72 3.50 -3.73 -21.05
N VAL A 73 3.05 -2.75 -20.27
CA VAL A 73 3.98 -1.93 -19.49
C VAL A 73 4.40 -2.67 -18.21
N LEU A 74 3.44 -3.20 -17.47
CA LEU A 74 3.74 -3.80 -16.17
C LEU A 74 4.37 -5.18 -16.30
N VAL A 75 3.98 -5.96 -17.31
CA VAL A 75 4.36 -7.36 -17.42
C VAL A 75 5.30 -7.62 -18.59
N LYS A 76 4.85 -7.29 -19.82
CA LYS A 76 5.57 -7.73 -21.01
C LYS A 76 6.94 -7.07 -21.14
N GLU A 77 7.02 -5.77 -20.91
CA GLU A 77 8.23 -5.00 -21.17
C GLU A 77 8.80 -4.43 -19.87
N CYS A 78 8.78 -5.21 -18.80
CA CYS A 78 9.29 -4.74 -17.52
C CYS A 78 10.81 -4.62 -17.54
N TYR A 79 11.50 -5.67 -17.98
CA TYR A 79 12.97 -5.68 -17.91
C TYR A 79 13.60 -4.83 -19.01
N SER A 80 12.95 -4.70 -20.15
CA SER A 80 13.57 -4.03 -21.29
C SER A 80 13.28 -2.55 -21.36
N VAL A 81 12.11 -2.10 -20.86
CA VAL A 81 11.68 -0.72 -21.06
C VAL A 81 11.22 -0.09 -19.76
N PHE A 82 10.38 -0.81 -19.01
CA PHE A 82 9.73 -0.22 -17.85
C PHE A 82 10.20 -0.86 -16.56
N THR A 83 11.48 -0.67 -16.22
CA THR A 83 12.07 -1.36 -15.09
C THR A 83 11.90 -0.59 -13.78
N ASN A 84 11.92 0.74 -13.84
CA ASN A 84 12.09 1.55 -12.65
C ASN A 84 10.90 2.48 -12.44
N ARG A 85 10.61 2.77 -11.18
CA ARG A 85 9.65 3.79 -10.81
C ARG A 85 10.30 5.17 -10.92
N ARG A 86 9.48 6.21 -10.79
CA ARG A 86 10.00 7.56 -10.83
C ARG A 86 10.96 7.79 -9.68
N PRO A 87 12.10 8.44 -9.93
CA PRO A 87 13.11 8.61 -8.88
C PRO A 87 12.54 9.22 -7.61
N PHE A 88 13.06 8.76 -6.47
CA PHE A 88 12.41 8.95 -5.18
C PHE A 88 12.59 10.38 -4.67
N GLY A 89 13.75 10.98 -4.91
CA GLY A 89 14.10 12.26 -4.34
C GLY A 89 15.35 12.11 -3.50
N PRO A 90 15.60 13.04 -2.58
CA PRO A 90 16.77 12.92 -1.70
C PRO A 90 16.61 11.77 -0.72
N VAL A 91 17.38 10.70 -0.90
CA VAL A 91 17.16 9.46 -0.17
C VAL A 91 18.34 9.12 0.73
N GLY A 92 19.55 9.50 0.31
CA GLY A 92 20.72 9.07 1.06
C GLY A 92 20.97 7.58 0.88
N PHE A 93 21.26 6.88 1.97
CA PHE A 93 21.54 5.46 1.88
C PHE A 93 20.30 4.63 1.56
N MET A 94 19.11 5.22 1.63
CA MET A 94 17.90 4.50 1.26
C MET A 94 17.77 4.26 -0.24
N LYS A 95 18.74 4.72 -1.03
CA LYS A 95 18.75 4.42 -2.45
C LYS A 95 18.86 2.92 -2.71
N SER A 96 19.34 2.15 -1.73
CA SER A 96 19.48 0.71 -1.86
C SER A 96 18.26 -0.06 -1.37
N ALA A 97 17.20 0.63 -0.96
CA ALA A 97 15.95 -0.04 -0.65
C ALA A 97 15.34 -0.59 -1.93
N ILE A 98 14.74 -1.79 -1.83
CA ILE A 98 14.32 -2.51 -3.02
C ILE A 98 13.29 -1.70 -3.82
N SER A 99 12.36 -1.05 -3.12
CA SER A 99 11.34 -0.25 -3.80
C SER A 99 11.90 1.03 -4.40
N ILE A 100 13.14 1.38 -4.11
CA ILE A 100 13.78 2.55 -4.68
C ILE A 100 14.83 2.18 -5.72
N ALA A 101 15.50 1.04 -5.57
CA ALA A 101 16.61 0.67 -6.44
C ALA A 101 16.17 0.55 -7.89
N GLU A 102 17.15 0.61 -8.78
CA GLU A 102 16.91 0.61 -10.21
C GLU A 102 17.72 -0.47 -10.90
N ASP A 103 17.15 -1.01 -11.98
CA ASP A 103 17.85 -1.85 -12.94
C ASP A 103 18.47 -3.06 -12.25
N GLU A 104 19.76 -3.35 -12.46
CA GLU A 104 20.33 -4.61 -11.99
C GLU A 104 20.42 -4.67 -10.48
N GLU A 105 20.53 -3.51 -9.82
CA GLU A 105 20.52 -3.50 -8.36
C GLU A 105 19.18 -3.94 -7.79
N TRP A 106 18.08 -3.47 -8.40
CA TRP A 106 16.76 -3.97 -8.00
C TRP A 106 16.63 -5.46 -8.29
N LYS A 107 17.12 -5.89 -9.45
CA LYS A 107 17.02 -7.31 -9.82
C LYS A 107 17.69 -8.19 -8.77
N ARG A 108 18.86 -7.77 -8.27
CA ARG A 108 19.52 -8.54 -7.22
C ARG A 108 18.73 -8.52 -5.92
N LEU A 109 18.24 -7.34 -5.52
CA LEU A 109 17.48 -7.24 -4.29
C LEU A 109 16.17 -8.02 -4.36
N ARG A 110 15.49 -7.94 -5.51
CA ARG A 110 14.26 -8.71 -5.68
C ARG A 110 14.52 -10.20 -5.59
N SER A 111 15.65 -10.65 -6.14
CA SER A 111 15.96 -12.08 -6.11
C SER A 111 16.39 -12.51 -4.71
N LEU A 112 17.13 -11.66 -3.99
CA LEU A 112 17.61 -12.03 -2.66
C LEU A 112 16.51 -12.01 -1.62
N LEU A 113 15.51 -11.15 -1.79
CA LEU A 113 14.46 -10.98 -0.79
C LEU A 113 13.18 -11.76 -1.11
N SER A 114 13.05 -12.30 -2.31
CA SER A 114 11.88 -13.11 -2.63
C SER A 114 11.69 -14.33 -1.72
N PRO A 115 12.73 -15.06 -1.30
CA PRO A 115 12.49 -16.20 -0.41
C PRO A 115 11.84 -15.84 0.91
N THR A 116 11.86 -14.57 1.32
CA THR A 116 11.25 -14.18 2.59
C THR A 116 9.75 -14.44 2.60
N PHE A 117 9.09 -14.29 1.45
CA PHE A 117 7.64 -14.28 1.37
C PHE A 117 7.06 -15.57 0.80
N THR A 118 7.83 -16.66 0.77
CA THR A 118 7.29 -17.91 0.27
C THR A 118 6.22 -18.45 1.22
N SER A 119 5.35 -19.30 0.68
CA SER A 119 4.29 -19.90 1.48
C SER A 119 4.84 -20.77 2.60
N GLY A 120 6.07 -21.28 2.46
CA GLY A 120 6.69 -21.98 3.56
C GLY A 120 7.06 -21.05 4.70
N LYS A 121 7.74 -19.94 4.37
CA LYS A 121 8.01 -18.92 5.38
C LYS A 121 6.72 -18.28 5.89
N LEU A 122 5.71 -18.20 5.04
CA LEU A 122 4.43 -17.63 5.45
C LEU A 122 3.75 -18.52 6.49
N LYS A 123 3.76 -19.84 6.27
CA LYS A 123 3.15 -20.74 7.24
C LYS A 123 3.86 -20.71 8.58
N GLU A 124 5.17 -20.44 8.58
CA GLU A 124 5.92 -20.40 9.82
C GLU A 124 5.55 -19.18 10.66
N MET A 125 5.17 -18.08 10.01
CA MET A 125 4.85 -16.86 10.73
C MET A 125 3.45 -16.88 11.35
N VAL A 126 2.55 -17.74 10.86
CA VAL A 126 1.17 -17.74 11.37
C VAL A 126 1.11 -18.09 12.84
N PRO A 127 1.82 -19.10 13.36
CA PRO A 127 1.84 -19.29 14.81
C PRO A 127 2.49 -18.15 15.57
N ILE A 128 3.33 -17.35 14.91
CA ILE A 128 3.99 -16.24 15.59
C ILE A 128 3.05 -15.04 15.68
N ILE A 129 2.30 -14.76 14.62
CA ILE A 129 1.43 -13.58 14.61
C ILE A 129 0.07 -13.83 15.21
N ALA A 130 -0.27 -15.08 15.55
CA ALA A 130 -1.50 -15.35 16.26
C ALA A 130 -1.41 -15.02 17.75
N GLN A 131 -0.19 -14.95 18.29
CA GLN A 131 -0.02 -14.54 19.69
C GLN A 131 -0.37 -13.07 19.87
N TYR A 132 -0.12 -12.23 18.86
CA TYR A 132 -0.50 -10.83 18.94
C TYR A 132 -1.98 -10.64 18.63
N GLY A 133 -2.57 -11.54 17.85
CA GLY A 133 -4.01 -11.49 17.65
C GLY A 133 -4.79 -11.65 18.94
N ASP A 134 -4.21 -12.35 19.91
CA ASP A 134 -4.84 -12.50 21.22
C ASP A 134 -4.56 -11.30 22.12
N VAL A 135 -3.37 -10.70 22.01
CA VAL A 135 -3.11 -9.45 22.72
C VAL A 135 -4.00 -8.34 22.15
N LEU A 136 -4.18 -8.33 20.84
CA LEU A 136 -5.07 -7.36 20.21
C LEU A 136 -6.50 -7.50 20.73
N VAL A 137 -6.95 -8.74 20.92
CA VAL A 137 -8.30 -8.98 21.44
C VAL A 137 -8.43 -8.44 22.85
N ARG A 138 -7.46 -8.78 23.71
CA ARG A 138 -7.49 -8.32 25.10
C ARG A 138 -7.45 -6.80 25.18
N ASN A 139 -6.56 -6.19 24.39
CA ASN A 139 -6.53 -4.73 24.31
C ASN A 139 -7.89 -4.18 23.89
N LEU A 140 -8.59 -4.89 23.01
CA LEU A 140 -9.90 -4.42 22.55
C LEU A 140 -10.95 -4.54 23.64
N ARG A 141 -10.87 -5.60 24.47
CA ARG A 141 -11.82 -5.75 25.56
C ARG A 141 -11.69 -4.63 26.59
N ARG A 142 -10.47 -4.15 26.81
CA ARG A 142 -10.26 -3.03 27.72
C ARG A 142 -11.11 -1.83 27.33
N GLU A 143 -11.01 -1.40 26.07
CA GLU A 143 -11.80 -0.29 25.59
C GLU A 143 -13.24 -0.67 25.30
N ALA A 144 -13.52 -1.98 25.17
CA ALA A 144 -14.90 -2.42 25.02
C ALA A 144 -15.68 -2.23 26.32
N GLU A 145 -15.03 -2.47 27.47
CA GLU A 145 -15.67 -2.19 28.74
C GLU A 145 -15.75 -0.70 29.01
N THR A 146 -14.81 0.07 28.46
CA THR A 146 -14.84 1.53 28.59
C THR A 146 -16.19 2.09 28.16
N GLY A 147 -16.74 1.58 27.06
CA GLY A 147 -18.01 2.03 26.55
C GLY A 147 -17.92 3.14 25.53
N LYS A 148 -16.76 3.81 25.42
CA LYS A 148 -16.67 4.86 24.42
C LYS A 148 -16.02 4.33 23.15
N PRO A 149 -16.29 4.97 21.99
CA PRO A 149 -15.71 4.49 20.73
C PRO A 149 -14.19 4.38 20.73
N VAL A 150 -13.66 3.56 19.83
CA VAL A 150 -12.24 3.25 19.77
C VAL A 150 -11.65 3.82 18.49
N THR A 151 -10.40 4.26 18.58
CA THR A 151 -9.65 4.73 17.41
C THR A 151 -8.91 3.52 16.82
N LEU A 152 -9.37 3.07 15.66
CA LEU A 152 -8.88 1.80 15.12
C LEU A 152 -7.42 1.87 14.70
N LYS A 153 -7.01 2.96 14.04
CA LYS A 153 -5.64 3.08 13.57
C LYS A 153 -4.62 3.04 14.70
N ASP A 154 -5.04 3.34 15.92
CA ASP A 154 -4.12 3.20 17.06
C ASP A 154 -3.90 1.75 17.43
N VAL A 155 -4.98 0.98 17.61
CA VAL A 155 -4.84 -0.39 18.06
C VAL A 155 -4.39 -1.29 16.92
N PHE A 156 -4.84 -1.01 15.69
CA PHE A 156 -4.39 -1.79 14.54
C PHE A 156 -2.94 -1.48 14.20
N GLY A 157 -2.53 -0.22 14.35
CA GLY A 157 -1.14 0.12 14.12
C GLY A 157 -0.20 -0.53 15.11
N ALA A 158 -0.59 -0.56 16.39
CA ALA A 158 0.20 -1.27 17.39
C ALA A 158 0.31 -2.75 17.03
N TYR A 159 -0.81 -3.36 16.63
CA TYR A 159 -0.79 -4.76 16.20
C TYR A 159 0.13 -4.95 15.00
N SER A 160 -0.06 -4.13 13.96
CA SER A 160 0.74 -4.28 12.75
C SER A 160 2.23 -4.09 13.02
N MET A 161 2.56 -3.14 13.89
CA MET A 161 3.96 -2.95 14.24
C MET A 161 4.51 -4.13 15.03
N ASP A 162 3.74 -4.65 15.97
CA ASP A 162 4.15 -5.84 16.70
C ASP A 162 4.40 -7.01 15.75
N VAL A 163 3.51 -7.19 14.78
CA VAL A 163 3.63 -8.31 13.85
C VAL A 163 4.87 -8.14 12.97
N ILE A 164 5.10 -6.94 12.47
CA ILE A 164 6.20 -6.75 11.53
C ILE A 164 7.55 -6.84 12.23
N THR A 165 7.63 -6.37 13.48
CA THR A 165 8.90 -6.41 14.20
C THR A 165 9.31 -7.85 14.50
N SER A 166 8.38 -8.65 15.04
CA SER A 166 8.72 -10.02 15.41
C SER A 166 8.98 -10.87 14.18
N THR A 167 8.16 -10.72 13.13
CA THR A 167 8.37 -11.51 11.93
C THR A 167 9.65 -11.09 11.20
N SER A 168 10.08 -9.84 11.36
CA SER A 168 11.28 -9.36 10.68
C SER A 168 12.53 -9.45 11.55
N PHE A 169 12.45 -9.07 12.82
CA PHE A 169 13.63 -9.05 13.68
C PHE A 169 13.58 -10.05 14.82
N GLY A 170 12.41 -10.63 15.10
CA GLY A 170 12.29 -11.53 16.25
C GLY A 170 12.18 -10.83 17.57
N VAL A 171 11.76 -9.56 17.58
CA VAL A 171 11.58 -8.79 18.81
C VAL A 171 10.08 -8.62 19.05
N ASN A 172 9.68 -8.78 20.32
CA ASN A 172 8.27 -8.96 20.69
C ASN A 172 7.90 -7.93 21.74
N ILE A 173 7.32 -6.81 21.30
CA ILE A 173 7.02 -5.68 22.17
C ILE A 173 5.55 -5.32 22.02
N ASP A 174 4.81 -5.31 23.12
CA ASP A 174 3.42 -4.88 23.13
C ASP A 174 3.38 -3.36 23.02
N SER A 175 2.96 -2.86 21.85
CA SER A 175 3.13 -1.45 21.52
C SER A 175 2.14 -0.55 22.25
N LEU A 176 0.90 -1.01 22.45
CA LEU A 176 -0.15 -0.13 22.96
C LEU A 176 0.20 0.38 24.36
N ASN A 177 0.64 -0.51 25.25
CA ASN A 177 0.97 -0.11 26.60
C ASN A 177 2.38 0.47 26.73
N ASN A 178 3.08 0.66 25.62
CA ASN A 178 4.41 1.26 25.64
C ASN A 178 4.46 2.51 24.77
N VAL A 184 9.50 0.50 20.43
CA VAL A 184 8.11 0.94 20.43
C VAL A 184 8.02 2.44 20.17
N GLU A 185 9.15 3.12 20.34
CA GLU A 185 9.18 4.56 20.09
C GLU A 185 9.84 4.84 18.74
N ASN A 186 11.12 4.50 18.61
CA ASN A 186 11.81 4.65 17.34
C ASN A 186 11.05 3.95 16.22
N THR A 187 10.72 2.68 16.44
CA THR A 187 9.71 2.02 15.61
C THR A 187 8.32 2.45 16.06
N LYS A 188 7.45 2.70 15.08
CA LYS A 188 6.06 3.10 15.27
C LYS A 188 5.81 4.54 15.71
N LYS A 189 6.21 4.78 16.94
CA LYS A 189 6.06 6.16 17.41
C LYS A 189 6.95 7.11 16.63
N LEU A 190 8.08 6.63 16.13
CA LEU A 190 8.94 7.42 15.25
C LEU A 190 8.95 6.88 13.83
N LEU A 191 8.08 5.92 13.53
CA LEU A 191 7.88 5.45 12.16
C LEU A 191 6.73 6.18 11.49
N ARG A 192 5.74 6.62 12.27
CA ARG A 192 4.58 7.32 11.72
C ARG A 192 5.01 8.53 10.92
N PHE A 193 5.46 9.58 11.63
CA PHE A 193 5.90 10.88 11.09
C PHE A 193 5.37 11.14 9.69
N ASP A 194 6.28 11.13 8.71
CA ASP A 194 5.94 11.15 7.29
C ASP A 194 4.81 12.12 6.97
N PHE A 195 5.10 13.41 7.02
CA PHE A 195 4.09 14.44 6.82
C PHE A 195 3.96 14.77 5.34
N LEU A 196 2.83 15.35 5.05
CA LEU A 196 2.64 15.94 3.73
C LEU A 196 3.24 17.35 3.74
N ASP A 197 4.57 17.37 3.73
CA ASP A 197 5.30 18.63 3.83
C ASP A 197 5.08 19.47 2.57
N PRO A 198 5.23 20.79 2.67
CA PRO A 198 5.38 21.60 1.46
C PRO A 198 6.75 21.42 0.83
N PHE A 199 7.60 20.58 1.43
CA PHE A 199 8.90 20.26 0.87
C PHE A 199 8.78 19.35 -0.33
N PHE A 200 7.84 18.39 -0.29
CA PHE A 200 7.64 17.49 -1.42
C PHE A 200 7.13 18.23 -2.64
N LEU A 201 6.28 19.24 -2.44
CA LEU A 201 5.82 20.08 -3.54
C LEU A 201 6.98 20.85 -4.15
N SER A 202 7.86 21.39 -3.31
CA SER A 202 9.04 22.10 -3.79
C SER A 202 10.05 21.16 -4.44
N ILE A 203 9.96 19.86 -4.16
CA ILE A 203 10.86 18.90 -4.80
C ILE A 203 10.52 18.75 -6.27
N THR A 204 9.22 18.65 -6.60
CA THR A 204 8.83 18.52 -8.00
C THR A 204 8.98 19.84 -8.76
N VAL A 205 8.76 20.96 -8.09
CA VAL A 205 8.97 22.26 -8.73
C VAL A 205 10.46 22.54 -8.90
N PHE A 206 11.28 22.12 -7.93
CA PHE A 206 12.74 22.25 -8.01
C PHE A 206 13.41 20.88 -8.03
N PRO A 207 13.16 20.06 -9.05
CA PRO A 207 13.80 18.73 -9.09
C PRO A 207 15.29 18.83 -9.34
N PHE A 208 15.76 19.94 -9.90
CA PHE A 208 17.19 20.19 -10.05
C PHE A 208 17.90 20.36 -8.72
N LEU A 209 17.17 20.56 -7.63
CA LEU A 209 17.76 20.74 -6.31
C LEU A 209 17.98 19.43 -5.55
N ILE A 210 17.47 18.30 -6.07
CA ILE A 210 17.68 17.02 -5.40
C ILE A 210 19.16 16.71 -5.18
N PRO A 211 20.05 16.89 -6.16
CA PRO A 211 21.48 16.67 -5.87
C PRO A 211 22.05 17.61 -4.83
N ILE A 212 21.41 18.76 -4.59
CA ILE A 212 21.88 19.68 -3.56
C ILE A 212 21.59 19.11 -2.18
N LEU A 213 20.35 18.67 -1.96
CA LEU A 213 19.96 18.13 -0.67
C LEU A 213 20.72 16.85 -0.36
N GLU A 214 21.07 16.08 -1.39
CA GLU A 214 21.82 14.85 -1.18
C GLU A 214 23.22 15.14 -0.65
N VAL A 215 23.92 16.09 -1.27
CA VAL A 215 25.29 16.40 -0.84
C VAL A 215 25.31 17.05 0.54
N LEU A 216 24.22 17.68 0.95
CA LEU A 216 24.10 18.22 2.30
C LEU A 216 23.68 17.17 3.31
N ASN A 217 23.67 15.89 2.91
CA ASN A 217 23.21 14.79 3.73
C ASN A 217 21.81 15.06 4.30
N ILE A 218 20.94 15.54 3.42
CA ILE A 218 19.52 15.74 3.74
C ILE A 218 18.74 14.60 3.10
N CYS A 219 17.86 13.99 3.87
CA CYS A 219 17.03 12.90 3.38
C CYS A 219 15.63 13.04 3.97
N VAL A 220 14.65 12.43 3.29
CA VAL A 220 13.29 12.47 3.78
C VAL A 220 13.15 11.65 5.06
N PHE A 221 14.01 10.65 5.24
CA PHE A 221 13.97 9.84 6.46
C PHE A 221 14.76 10.53 7.57
N PRO A 222 14.30 10.43 8.81
CA PRO A 222 15.01 11.09 9.92
C PRO A 222 16.26 10.31 10.31
N ARG A 223 17.34 11.06 10.55
CA ARG A 223 18.65 10.44 10.73
C ARG A 223 18.78 9.70 12.06
N GLU A 224 17.94 10.01 13.06
CA GLU A 224 18.10 9.38 14.36
C GLU A 224 17.48 7.98 14.38
N VAL A 225 16.35 7.79 13.71
CA VAL A 225 15.74 6.47 13.68
C VAL A 225 16.57 5.51 12.84
N THR A 226 17.12 5.99 11.71
CA THR A 226 17.92 5.14 10.86
C THR A 226 19.16 4.64 11.60
N ASN A 227 19.83 5.51 12.34
CA ASN A 227 20.97 5.08 13.13
C ASN A 227 20.57 4.23 14.33
N PHE A 228 19.32 4.33 14.79
CA PHE A 228 18.84 3.41 15.82
C PHE A 228 18.71 2.01 15.25
N LEU A 229 18.00 1.87 14.13
CA LEU A 229 17.92 0.57 13.48
C LEU A 229 19.30 0.07 13.08
N ARG A 230 20.15 0.96 12.59
CA ARG A 230 21.53 0.58 12.24
C ARG A 230 22.24 -0.04 13.43
N LYS A 231 22.11 0.57 14.61
CA LYS A 231 22.72 0.00 15.81
C LYS A 231 21.84 -1.05 16.46
N SER A 232 20.53 -1.04 16.19
CA SER A 232 19.66 -2.11 16.65
C SER A 232 20.04 -3.43 15.98
N VAL A 233 20.10 -3.43 14.65
CA VAL A 233 20.53 -4.63 13.92
C VAL A 233 22.00 -4.95 14.14
N LYS A 234 22.78 -4.01 14.67
CA LYS A 234 24.17 -4.31 14.97
C LYS A 234 24.31 -5.23 16.16
N ARG A 235 23.72 -4.84 17.30
CA ARG A 235 23.67 -5.74 18.44
C ARG A 235 22.88 -7.01 18.14
N MET A 236 22.01 -6.98 17.13
CA MET A 236 21.40 -8.19 16.61
C MET A 236 22.55 -8.85 15.86
N LYS A 237 23.41 -9.55 16.57
CA LYS A 237 24.46 -10.37 15.98
C LYS A 237 24.58 -11.70 16.72
N ASP A 250 12.91 -14.13 10.42
CA ASP A 250 13.60 -14.95 9.44
C ASP A 250 14.15 -14.09 8.30
N PHE A 251 13.47 -12.97 8.04
CA PHE A 251 13.96 -12.02 7.04
C PHE A 251 15.30 -11.44 7.44
N LEU A 252 15.47 -11.13 8.73
CA LEU A 252 16.78 -10.71 9.21
C LEU A 252 17.79 -11.84 9.11
N GLN A 253 17.34 -13.09 9.22
CA GLN A 253 18.23 -14.24 9.08
C GLN A 253 18.56 -14.52 7.62
N LEU A 254 17.56 -14.43 6.73
CA LEU A 254 17.78 -14.77 5.33
C LEU A 254 18.81 -13.86 4.67
N MET A 255 18.93 -12.62 5.13
CA MET A 255 19.94 -11.73 4.58
C MET A 255 21.30 -11.97 5.22
N ILE A 256 21.33 -12.24 6.52
CA ILE A 256 22.60 -12.40 7.23
C ILE A 256 23.28 -13.70 6.83
N ASP A 257 22.53 -14.81 6.86
CA ASP A 257 23.13 -16.11 6.59
C ASP A 257 23.82 -16.17 5.23
N SER A 258 23.39 -15.33 4.29
CA SER A 258 24.03 -15.25 2.99
C SER A 258 25.39 -14.56 3.11
N HIS A 267 24.52 -14.25 -6.87
CA HIS A 267 24.41 -12.80 -7.02
C HIS A 267 25.57 -12.08 -6.33
N LYS A 268 25.24 -11.28 -5.31
CA LYS A 268 26.22 -10.51 -4.58
C LYS A 268 25.74 -10.36 -3.14
N ALA A 269 26.63 -10.61 -2.19
CA ALA A 269 26.26 -10.57 -0.78
C ALA A 269 25.78 -9.17 -0.39
N LEU A 270 24.90 -9.13 0.62
CA LEU A 270 24.34 -7.88 1.08
C LEU A 270 25.36 -7.09 1.90
N SER A 271 25.06 -5.82 2.12
CA SER A 271 25.91 -4.92 2.88
C SER A 271 25.23 -4.54 4.19
N ASP A 272 26.05 -4.08 5.15
CA ASP A 272 25.53 -3.72 6.47
C ASP A 272 24.56 -2.55 6.38
N LEU A 273 24.99 -1.46 5.76
CA LEU A 273 24.10 -0.30 5.64
C LEU A 273 22.95 -0.57 4.68
N GLU A 274 23.17 -1.43 3.69
CA GLU A 274 22.09 -1.86 2.81
C GLU A 274 21.17 -2.86 3.48
N LEU A 275 21.67 -3.58 4.49
CA LEU A 275 20.82 -4.43 5.31
C LEU A 275 19.70 -3.61 5.96
N VAL A 276 20.07 -2.45 6.53
CA VAL A 276 19.11 -1.63 7.26
C VAL A 276 18.06 -1.05 6.31
N ALA A 277 18.42 -0.81 5.05
CA ALA A 277 17.50 -0.16 4.13
C ALA A 277 16.25 -0.98 3.87
N GLN A 278 16.42 -2.30 3.70
CA GLN A 278 15.27 -3.16 3.46
C GLN A 278 14.39 -3.28 4.70
N SER A 279 15.00 -3.21 5.88
CA SER A 279 14.23 -3.30 7.12
C SER A 279 13.28 -2.11 7.26
N ILE A 280 13.72 -0.93 6.85
CA ILE A 280 12.89 0.27 6.94
C ILE A 280 11.67 0.15 6.04
N ILE A 281 11.86 -0.39 4.83
CA ILE A 281 10.74 -0.58 3.91
C ILE A 281 9.72 -1.54 4.49
N PHE A 282 10.19 -2.72 4.92
CA PHE A 282 9.28 -3.73 5.46
C PHE A 282 8.55 -3.22 6.69
N ILE A 283 9.28 -2.55 7.60
CA ILE A 283 8.66 -1.98 8.79
C ILE A 283 7.56 -1.00 8.38
N PHE A 284 7.85 -0.12 7.42
CA PHE A 284 6.86 0.85 6.99
C PHE A 284 5.70 0.17 6.28
N ALA A 285 6.00 -0.78 5.41
CA ALA A 285 4.94 -1.49 4.70
C ALA A 285 4.12 -2.35 5.66
N GLY A 286 4.78 -2.99 6.62
CA GLY A 286 4.06 -3.78 7.60
C GLY A 286 3.13 -2.92 8.44
N TYR A 287 3.66 -1.82 8.96
CA TYR A 287 2.88 -0.95 9.84
C TYR A 287 1.84 -0.15 9.07
N GLU A 288 2.30 0.76 8.22
CA GLU A 288 1.41 1.76 7.63
C GLU A 288 0.34 1.13 6.76
N THR A 289 0.74 0.24 5.85
CA THR A 289 -0.18 -0.27 4.84
C THR A 289 -1.27 -1.13 5.47
N THR A 290 -0.87 -2.15 6.24
CA THR A 290 -1.84 -3.10 6.77
C THR A 290 -2.85 -2.43 7.69
N SER A 291 -2.37 -1.58 8.60
CA SER A 291 -3.26 -0.96 9.59
C SER A 291 -4.20 0.05 8.93
N SER A 292 -3.77 0.71 7.85
CA SER A 292 -4.67 1.61 7.15
C SER A 292 -5.78 0.85 6.43
N VAL A 293 -5.43 -0.26 5.78
CA VAL A 293 -6.44 -1.05 5.08
C VAL A 293 -7.36 -1.76 6.08
N LEU A 294 -6.81 -2.19 7.21
CA LEU A 294 -7.64 -2.81 8.24
C LEU A 294 -8.70 -1.84 8.76
N SER A 295 -8.32 -0.57 8.94
CA SER A 295 -9.28 0.43 9.39
C SER A 295 -10.37 0.67 8.35
N PHE A 296 -9.99 0.69 7.07
CA PHE A 296 -10.98 0.83 6.01
C PHE A 296 -11.95 -0.34 6.01
N ILE A 297 -11.44 -1.56 6.21
CA ILE A 297 -12.31 -2.73 6.23
C ILE A 297 -13.31 -2.64 7.37
N MET A 298 -12.81 -2.32 8.58
CA MET A 298 -13.70 -2.26 9.74
C MET A 298 -14.74 -1.15 9.60
N TYR A 299 -14.37 -0.05 8.94
CA TYR A 299 -15.37 0.98 8.65
C TYR A 299 -16.47 0.43 7.77
N GLU A 300 -16.09 -0.26 6.69
CA GLU A 300 -17.09 -0.81 5.78
C GLU A 300 -17.95 -1.85 6.46
N LEU A 301 -17.35 -2.68 7.32
CA LEU A 301 -18.12 -3.67 8.07
C LEU A 301 -19.10 -3.00 9.03
N ALA A 302 -18.68 -1.88 9.63
CA ALA A 302 -19.56 -1.19 10.57
C ALA A 302 -20.75 -0.55 9.87
N THR A 303 -20.53 0.00 8.68
CA THR A 303 -21.61 0.64 7.92
C THR A 303 -22.41 -0.34 7.07
N HIS A 304 -22.06 -1.63 7.09
CA HIS A 304 -22.80 -2.67 6.38
C HIS A 304 -22.95 -3.87 7.31
N PRO A 305 -23.86 -3.77 8.30
CA PRO A 305 -23.98 -4.86 9.29
C PRO A 305 -24.30 -6.21 8.68
N ASP A 306 -25.07 -6.26 7.58
CA ASP A 306 -25.38 -7.54 6.97
C ASP A 306 -24.12 -8.21 6.43
N VAL A 307 -23.19 -7.41 5.90
CA VAL A 307 -21.90 -7.96 5.48
C VAL A 307 -21.10 -8.43 6.68
N GLN A 308 -21.12 -7.66 7.77
CA GLN A 308 -20.41 -8.06 8.99
C GLN A 308 -20.98 -9.35 9.54
N GLN A 309 -22.31 -9.48 9.57
CA GLN A 309 -22.93 -10.69 10.08
C GLN A 309 -22.61 -11.90 9.19
N LYS A 310 -22.68 -11.73 7.87
CA LYS A 310 -22.38 -12.83 6.98
C LYS A 310 -20.93 -13.29 7.11
N LEU A 311 -20.01 -12.33 7.29
CA LEU A 311 -18.62 -12.68 7.49
C LEU A 311 -18.42 -13.40 8.82
N GLN A 312 -19.09 -12.92 9.88
CA GLN A 312 -19.01 -13.58 11.17
C GLN A 312 -19.56 -15.00 11.10
N GLU A 313 -20.62 -15.21 10.31
CA GLU A 313 -21.19 -16.54 10.17
C GLU A 313 -20.23 -17.47 9.44
N GLU A 314 -19.52 -16.96 8.43
CA GLU A 314 -18.51 -17.77 7.75
C GLU A 314 -17.38 -18.15 8.69
N ILE A 315 -16.93 -17.21 9.52
CA ILE A 315 -15.82 -17.48 10.43
C ILE A 315 -16.22 -18.49 11.49
N ASP A 316 -17.45 -18.37 12.01
CA ASP A 316 -17.92 -19.34 12.99
C ASP A 316 -18.17 -20.71 12.36
N ALA A 317 -18.52 -20.74 11.07
CA ALA A 317 -18.71 -22.02 10.40
C ALA A 317 -17.37 -22.69 10.14
N VAL A 318 -16.39 -21.94 9.66
CA VAL A 318 -15.09 -22.51 9.35
C VAL A 318 -14.30 -22.79 10.62
N LEU A 319 -14.43 -21.92 11.64
CA LEU A 319 -13.73 -22.05 12.91
C LEU A 319 -14.76 -22.15 14.03
N PRO A 320 -15.38 -23.32 14.22
CA PRO A 320 -16.40 -23.44 15.25
C PRO A 320 -15.83 -23.23 16.64
N ASN A 321 -16.64 -22.64 17.51
CA ASN A 321 -16.29 -22.43 18.92
C ASN A 321 -15.04 -21.56 19.05
N LYS A 322 -14.95 -20.53 18.21
CA LYS A 322 -13.83 -19.57 18.24
C LYS A 322 -12.49 -20.28 18.10
N ALA A 323 -12.40 -21.23 17.19
CA ALA A 323 -11.15 -21.95 16.99
C ALA A 323 -10.09 -20.99 16.45
N PRO A 324 -8.84 -21.14 16.86
CA PRO A 324 -7.78 -20.26 16.36
C PRO A 324 -7.60 -20.43 14.86
N PRO A 325 -7.46 -19.32 14.12
CA PRO A 325 -7.27 -19.44 12.67
C PRO A 325 -5.90 -20.02 12.33
N THR A 326 -5.88 -20.86 11.30
CA THR A 326 -4.66 -21.44 10.78
C THR A 326 -4.42 -20.92 9.36
N TYR A 327 -3.26 -21.28 8.81
CA TYR A 327 -2.94 -20.90 7.44
C TYR A 327 -3.98 -21.41 6.47
N ASP A 328 -4.37 -22.68 6.60
CA ASP A 328 -5.28 -23.29 5.64
C ASP A 328 -6.73 -22.88 5.84
N THR A 329 -7.14 -22.59 7.08
CA THR A 329 -8.51 -22.14 7.30
C THR A 329 -8.74 -20.74 6.76
N VAL A 330 -7.70 -19.89 6.78
CA VAL A 330 -7.82 -18.55 6.22
C VAL A 330 -8.09 -18.63 4.72
N LEU A 331 -7.38 -19.51 4.02
CA LEU A 331 -7.55 -19.64 2.58
C LEU A 331 -8.91 -20.24 2.21
N GLN A 332 -9.62 -20.84 3.17
CA GLN A 332 -10.93 -21.44 2.90
C GLN A 332 -12.08 -20.45 2.99
N MET A 333 -11.83 -19.24 3.49
CA MET A 333 -12.90 -18.26 3.73
C MET A 333 -13.09 -17.41 2.49
N GLU A 334 -14.08 -17.77 1.68
CA GLU A 334 -14.31 -17.06 0.43
C GLU A 334 -14.87 -15.67 0.68
N TYR A 335 -15.85 -15.54 1.57
CA TYR A 335 -16.45 -14.23 1.83
C TYR A 335 -15.46 -13.29 2.47
N LEU A 336 -14.52 -13.81 3.28
CA LEU A 336 -13.46 -12.98 3.83
C LEU A 336 -12.59 -12.43 2.71
N ASP A 337 -12.27 -13.26 1.71
CA ASP A 337 -11.47 -12.79 0.59
C ASP A 337 -12.23 -11.73 -0.22
N MET A 338 -13.54 -11.91 -0.37
CA MET A 338 -14.33 -10.94 -1.13
C MET A 338 -14.39 -9.59 -0.43
N VAL A 339 -14.55 -9.61 0.90
CA VAL A 339 -14.64 -8.35 1.65
C VAL A 339 -13.31 -7.60 1.59
N VAL A 340 -12.19 -8.33 1.70
CA VAL A 340 -10.89 -7.69 1.60
C VAL A 340 -10.66 -7.14 0.20
N ASN A 341 -11.10 -7.87 -0.82
CA ASN A 341 -10.88 -7.42 -2.19
C ASN A 341 -11.73 -6.20 -2.52
N GLU A 342 -13.00 -6.20 -2.11
CA GLU A 342 -13.86 -5.05 -2.40
C GLU A 342 -13.40 -3.80 -1.65
N THR A 343 -12.84 -3.95 -0.46
CA THR A 343 -12.28 -2.80 0.24
C THR A 343 -11.04 -2.28 -0.48
N LEU A 344 -10.19 -3.18 -0.98
CA LEU A 344 -9.02 -2.76 -1.72
C LEU A 344 -9.37 -2.16 -3.09
N ARG A 345 -10.53 -2.51 -3.65
CA ARG A 345 -11.02 -1.81 -4.82
C ARG A 345 -11.34 -0.36 -4.49
N LEU A 346 -12.11 -0.14 -3.42
CA LEU A 346 -12.51 1.23 -3.07
C LEU A 346 -11.32 2.05 -2.58
N PHE A 347 -10.38 1.41 -1.89
CA PHE A 347 -9.26 2.11 -1.26
C PHE A 347 -7.93 1.44 -1.65
N PRO A 348 -7.51 1.59 -2.91
CA PRO A 348 -6.18 1.12 -3.31
C PRO A 348 -5.10 2.07 -2.82
N ILE A 349 -4.49 1.75 -1.68
CA ILE A 349 -3.64 2.71 -0.98
C ILE A 349 -2.44 3.16 -1.80
N ALA A 350 -2.10 2.43 -2.86
CA ALA A 350 -1.03 2.85 -3.75
C ALA A 350 -1.47 3.93 -4.73
N MET A 351 -2.77 4.01 -5.04
CA MET A 351 -3.35 5.12 -5.77
C MET A 351 -2.87 5.16 -7.22
N ARG A 352 -1.57 5.01 -7.44
CA ARG A 352 -0.99 5.02 -8.78
C ARG A 352 0.12 3.99 -8.90
N LEU A 353 0.23 3.40 -10.09
CA LEU A 353 1.39 2.64 -10.50
C LEU A 353 2.17 3.48 -11.50
N GLU A 354 3.50 3.39 -11.46
CA GLU A 354 4.33 4.22 -12.33
C GLU A 354 5.57 3.46 -12.76
N ARG A 355 6.01 3.74 -13.99
CA ARG A 355 7.24 3.20 -14.54
C ARG A 355 7.89 4.26 -15.41
N VAL A 356 9.21 4.40 -15.29
CA VAL A 356 9.96 5.33 -16.13
C VAL A 356 10.26 4.65 -17.46
N CYS A 357 9.94 5.33 -18.56
CA CYS A 357 10.24 4.81 -19.88
C CYS A 357 11.74 4.91 -20.15
N LYS A 358 12.40 3.77 -20.33
CA LYS A 358 13.86 3.76 -20.44
C LYS A 358 14.34 4.11 -21.85
N LYS A 359 13.55 3.81 -22.88
CA LYS A 359 13.96 4.12 -24.24
C LYS A 359 12.71 4.37 -25.09
N ASP A 360 12.94 4.98 -26.25
CA ASP A 360 11.88 5.16 -27.24
C ASP A 360 11.22 3.82 -27.56
N VAL A 361 9.92 3.73 -27.33
CA VAL A 361 9.16 2.52 -27.60
C VAL A 361 7.83 2.88 -28.22
N GLU A 362 7.20 1.87 -28.82
CA GLU A 362 5.91 2.00 -29.50
C GLU A 362 5.05 0.83 -29.04
N ILE A 363 4.19 1.06 -28.05
CA ILE A 363 3.42 0.01 -27.40
C ILE A 363 1.98 0.07 -27.89
N ASN A 364 1.47 -1.10 -28.31
CA ASN A 364 0.05 -1.27 -28.66
C ASN A 364 -0.44 -0.19 -29.62
N GLY A 365 0.45 0.27 -30.51
CA GLY A 365 0.11 1.30 -31.47
C GLY A 365 0.28 2.73 -30.99
N MET A 366 1.06 2.95 -29.94
CA MET A 366 1.31 4.29 -29.43
C MET A 366 2.78 4.42 -29.05
N PHE A 367 3.35 5.59 -29.35
CA PHE A 367 4.78 5.83 -29.22
C PHE A 367 5.07 6.58 -27.91
N ILE A 368 5.98 6.02 -27.11
CA ILE A 368 6.36 6.59 -25.82
C ILE A 368 7.82 7.05 -25.93
N PRO A 369 8.11 8.34 -25.83
CA PRO A 369 9.50 8.78 -25.85
C PRO A 369 10.20 8.52 -24.52
N LYS A 370 11.53 8.42 -24.60
CA LYS A 370 12.35 8.12 -23.43
C LYS A 370 12.18 9.19 -22.36
N GLY A 371 12.17 8.74 -21.09
CA GLY A 371 12.08 9.64 -19.97
C GLY A 371 10.68 9.99 -19.51
N VAL A 372 9.66 9.60 -20.27
CA VAL A 372 8.28 9.85 -19.89
C VAL A 372 7.88 8.85 -18.81
N VAL A 373 7.25 9.34 -17.75
CA VAL A 373 6.71 8.47 -16.70
C VAL A 373 5.35 7.96 -17.16
N VAL A 374 5.24 6.64 -17.32
CA VAL A 374 3.97 6.00 -17.62
C VAL A 374 3.27 5.68 -16.31
N MET A 375 2.04 6.15 -16.16
CA MET A 375 1.30 6.03 -14.91
C MET A 375 -0.03 5.33 -15.16
N ILE A 376 -0.35 4.38 -14.29
CA ILE A 376 -1.63 3.69 -14.32
C ILE A 376 -2.44 4.19 -13.11
N PRO A 377 -3.56 4.89 -13.33
CA PRO A 377 -4.31 5.44 -12.19
C PRO A 377 -5.23 4.40 -11.55
N SER A 378 -4.69 3.65 -10.59
CA SER A 378 -5.45 2.54 -10.01
C SER A 378 -6.75 3.03 -9.38
N TYR A 379 -6.69 4.15 -8.65
CA TYR A 379 -7.88 4.65 -7.96
C TYR A 379 -9.00 4.94 -8.95
N ALA A 380 -8.68 5.64 -10.04
CA ALA A 380 -9.70 5.96 -11.04
C ALA A 380 -10.19 4.72 -11.77
N LEU A 381 -9.29 3.78 -12.08
CA LEU A 381 -9.70 2.55 -12.75
C LEU A 381 -10.59 1.70 -11.85
N HIS A 382 -10.33 1.71 -10.55
CA HIS A 382 -11.15 0.94 -9.61
C HIS A 382 -12.55 1.51 -9.46
N ARG A 383 -12.77 2.77 -9.86
CA ARG A 383 -14.06 3.42 -9.72
C ARG A 383 -14.61 3.85 -11.08
N ASP A 384 -14.21 3.17 -12.14
CA ASP A 384 -14.62 3.50 -13.50
C ASP A 384 -15.94 2.83 -13.81
N PRO A 385 -16.98 3.58 -14.19
CA PRO A 385 -18.27 2.93 -14.53
C PRO A 385 -18.19 1.99 -15.71
N LYS A 386 -17.13 2.01 -16.51
CA LYS A 386 -17.05 1.13 -17.67
C LYS A 386 -16.81 -0.32 -17.25
N TYR A 387 -16.19 -0.54 -16.09
CA TYR A 387 -15.91 -1.90 -15.61
C TYR A 387 -16.63 -2.25 -14.32
N TRP A 388 -17.23 -1.29 -13.62
CA TRP A 388 -17.84 -1.53 -12.33
C TRP A 388 -19.25 -0.98 -12.31
N THR A 389 -20.20 -1.80 -11.86
CA THR A 389 -21.57 -1.35 -11.65
C THR A 389 -21.68 -0.66 -10.30
N GLU A 390 -22.24 0.56 -10.30
CA GLU A 390 -22.38 1.37 -9.09
C GLU A 390 -21.03 1.44 -8.37
N PRO A 391 -20.03 2.09 -8.98
CA PRO A 391 -18.64 1.91 -8.51
C PRO A 391 -18.39 2.44 -7.11
N GLU A 392 -19.19 3.40 -6.64
CA GLU A 392 -18.97 3.97 -5.32
C GLU A 392 -19.52 3.11 -4.19
N LYS A 393 -20.28 2.06 -4.51
CA LYS A 393 -20.94 1.25 -3.49
C LYS A 393 -20.07 0.06 -3.09
N PHE A 394 -20.07 -0.22 -1.79
CA PHE A 394 -19.35 -1.36 -1.23
C PHE A 394 -20.19 -2.62 -1.44
N LEU A 395 -19.78 -3.47 -2.38
CA LEU A 395 -20.54 -4.66 -2.75
C LEU A 395 -19.60 -5.84 -2.90
N PRO A 396 -19.41 -6.62 -1.83
CA PRO A 396 -18.47 -7.75 -1.92
C PRO A 396 -18.84 -8.80 -2.96
N GLU A 397 -20.10 -8.87 -3.39
CA GLU A 397 -20.50 -9.89 -4.36
C GLU A 397 -19.88 -9.66 -5.74
N ARG A 398 -19.20 -8.53 -5.96
CA ARG A 398 -18.41 -8.37 -7.17
C ARG A 398 -17.38 -9.50 -7.32
N PHE A 399 -16.76 -9.89 -6.21
CA PHE A 399 -15.67 -10.84 -6.23
C PHE A 399 -16.11 -12.27 -5.92
N SER A 400 -17.41 -12.57 -6.07
CA SER A 400 -17.85 -13.94 -5.94
C SER A 400 -17.39 -14.76 -7.14
N LYS A 401 -17.33 -16.08 -6.95
CA LYS A 401 -16.86 -16.98 -8.00
C LYS A 401 -17.64 -16.82 -9.30
N LYS A 402 -18.89 -16.36 -9.22
CA LYS A 402 -19.66 -16.12 -10.45
C LYS A 402 -19.15 -14.89 -11.17
N ASN A 403 -19.03 -13.77 -10.47
CA ASN A 403 -18.72 -12.48 -11.08
C ASN A 403 -17.23 -12.16 -11.12
N LYS A 404 -16.39 -12.97 -10.47
CA LYS A 404 -14.96 -12.65 -10.43
C LYS A 404 -14.29 -12.83 -11.80
N ASP A 405 -14.82 -13.72 -12.64
CA ASP A 405 -14.24 -13.95 -13.94
C ASP A 405 -14.38 -12.75 -14.87
N ASN A 406 -15.36 -11.88 -14.59
CA ASN A 406 -15.59 -10.67 -15.38
C ASN A 406 -14.75 -9.49 -14.88
N ILE A 407 -13.75 -9.75 -14.04
CA ILE A 407 -12.89 -8.71 -13.48
C ILE A 407 -11.54 -8.79 -14.18
N ASP A 408 -11.15 -7.70 -14.84
CA ASP A 408 -9.89 -7.69 -15.57
C ASP A 408 -8.73 -7.49 -14.60
N PRO A 409 -7.70 -8.35 -14.65
CA PRO A 409 -6.58 -8.23 -13.70
C PRO A 409 -5.74 -6.99 -13.88
N TYR A 410 -5.88 -6.27 -15.00
CA TYR A 410 -5.13 -5.05 -15.23
C TYR A 410 -5.97 -3.80 -15.07
N ILE A 411 -7.25 -3.95 -14.76
CA ILE A 411 -8.05 -2.83 -14.26
C ILE A 411 -8.04 -2.81 -12.74
N TYR A 412 -8.19 -3.98 -12.12
CA TYR A 412 -8.13 -4.13 -10.67
C TYR A 412 -6.71 -4.55 -10.28
N THR A 413 -5.90 -3.58 -9.86
CA THR A 413 -4.49 -3.80 -9.54
C THR A 413 -4.15 -3.19 -8.19
N PRO A 414 -4.70 -3.72 -7.10
CA PRO A 414 -4.35 -3.17 -5.78
C PRO A 414 -2.91 -3.44 -5.38
N PHE A 415 -2.31 -4.54 -5.83
CA PHE A 415 -0.94 -4.87 -5.51
C PHE A 415 -0.01 -4.72 -6.72
N GLY A 416 -0.41 -3.92 -7.70
CA GLY A 416 0.37 -3.82 -8.92
C GLY A 416 0.32 -5.13 -9.70
N SER A 417 1.28 -5.29 -10.60
CA SER A 417 1.37 -6.49 -11.42
C SER A 417 2.74 -6.57 -12.04
N GLY A 418 3.09 -7.77 -12.50
CA GLY A 418 4.35 -7.99 -13.18
C GLY A 418 5.48 -8.30 -12.21
N PRO A 419 6.71 -8.31 -12.72
CA PRO A 419 7.86 -8.66 -11.86
C PRO A 419 8.13 -7.67 -10.75
N ARG A 420 7.59 -6.46 -10.83
CA ARG A 420 7.80 -5.44 -9.82
C ARG A 420 6.52 -5.15 -9.03
N ASN A 421 5.65 -6.15 -8.90
CA ASN A 421 4.43 -5.97 -8.11
C ASN A 421 4.80 -5.95 -6.62
N CYS A 422 3.79 -5.93 -5.77
CA CYS A 422 4.04 -5.93 -4.33
C CYS A 422 4.61 -7.28 -3.92
N ILE A 423 5.83 -7.27 -3.37
CA ILE A 423 6.45 -8.52 -2.95
C ILE A 423 5.83 -9.07 -1.69
N GLY A 424 5.15 -8.23 -0.90
CA GLY A 424 4.56 -8.67 0.34
C GLY A 424 3.06 -8.86 0.25
N MET A 425 2.56 -9.09 -0.97
CA MET A 425 1.13 -9.23 -1.18
C MET A 425 0.56 -10.40 -0.38
N ARG A 426 1.21 -11.57 -0.48
CA ARG A 426 0.73 -12.74 0.24
C ARG A 426 0.77 -12.52 1.74
N PHE A 427 1.85 -11.91 2.23
CA PHE A 427 1.97 -11.64 3.67
C PHE A 427 0.92 -10.64 4.13
N ALA A 428 0.70 -9.59 3.34
CA ALA A 428 -0.27 -8.56 3.74
C ALA A 428 -1.68 -9.12 3.81
N LEU A 429 -2.08 -9.89 2.80
CA LEU A 429 -3.42 -10.47 2.81
C LEU A 429 -3.60 -11.42 3.98
N MET A 430 -2.60 -12.27 4.23
CA MET A 430 -2.70 -13.20 5.34
CA MET A 430 -2.69 -13.21 5.35
C MET A 430 -2.69 -12.46 6.68
N ASN A 431 -1.82 -11.46 6.82
CA ASN A 431 -1.74 -10.71 8.07
C ASN A 431 -3.06 -10.00 8.38
N MET A 432 -3.68 -9.40 7.36
CA MET A 432 -4.94 -8.70 7.57
C MET A 432 -6.06 -9.67 7.91
N LYS A 433 -6.14 -10.80 7.20
CA LYS A 433 -7.24 -11.74 7.44
C LYS A 433 -7.12 -12.37 8.82
N LEU A 434 -5.90 -12.66 9.27
CA LEU A 434 -5.72 -13.21 10.61
C LEU A 434 -6.19 -12.24 11.68
N ALA A 435 -5.91 -10.95 11.50
CA ALA A 435 -6.41 -9.95 12.45
C ALA A 435 -7.93 -9.83 12.38
N LEU A 436 -8.49 -9.90 11.18
CA LEU A 436 -9.94 -9.77 11.02
C LEU A 436 -10.67 -10.94 11.65
N ILE A 437 -10.14 -12.16 11.49
CA ILE A 437 -10.79 -13.33 12.06
C ILE A 437 -10.81 -13.23 13.59
N ARG A 438 -9.65 -13.01 14.19
CA ARG A 438 -9.57 -12.91 15.64
C ARG A 438 -10.44 -11.78 16.19
N VAL A 439 -10.57 -10.70 15.42
CA VAL A 439 -11.32 -9.54 15.88
C VAL A 439 -12.83 -9.79 15.79
N LEU A 440 -13.27 -10.44 14.72
CA LEU A 440 -14.71 -10.65 14.50
C LEU A 440 -15.24 -11.86 15.25
N GLN A 441 -14.37 -12.80 15.63
CA GLN A 441 -14.80 -13.89 16.49
C GLN A 441 -15.27 -13.36 17.85
N ASN A 442 -14.72 -12.25 18.31
CA ASN A 442 -14.97 -11.74 19.65
C ASN A 442 -15.82 -10.49 19.70
N PHE A 443 -15.83 -9.67 18.65
CA PHE A 443 -16.48 -8.38 18.72
C PHE A 443 -17.32 -8.11 17.48
N SER A 444 -18.31 -7.24 17.65
CA SER A 444 -19.06 -6.63 16.56
C SER A 444 -18.83 -5.14 16.59
N PHE A 445 -18.82 -4.52 15.40
CA PHE A 445 -18.46 -3.11 15.26
C PHE A 445 -19.65 -2.34 14.69
N LYS A 446 -19.92 -1.19 15.29
CA LYS A 446 -21.04 -0.35 14.92
C LYS A 446 -20.60 1.09 14.83
N PRO A 447 -21.29 1.91 14.05
CA PRO A 447 -21.01 3.35 14.07
C PRO A 447 -21.40 3.95 15.40
N CYS A 448 -20.68 4.98 15.80
CA CYS A 448 -21.00 5.77 16.98
C CYS A 448 -21.43 7.16 16.53
N LYS A 449 -21.69 8.01 17.52
CA LYS A 449 -22.06 9.39 17.22
C LYS A 449 -20.91 10.13 16.56
N GLU A 450 -19.67 9.79 16.91
CA GLU A 450 -18.49 10.45 16.37
C GLU A 450 -18.04 9.87 15.04
N THR A 451 -18.66 8.79 14.57
CA THR A 451 -18.25 8.17 13.31
C THR A 451 -18.63 9.06 12.13
N GLN A 452 -17.69 9.25 11.21
CA GLN A 452 -17.93 10.04 10.01
C GLN A 452 -18.59 9.16 8.95
N ILE A 453 -19.83 9.49 8.61
CA ILE A 453 -20.58 8.74 7.60
C ILE A 453 -21.23 9.74 6.64
N PRO A 454 -20.91 9.69 5.34
CA PRO A 454 -19.95 8.80 4.67
C PRO A 454 -18.51 9.18 5.00
N LEU A 455 -17.58 8.24 4.85
CA LEU A 455 -16.18 8.54 5.09
C LEU A 455 -15.67 9.52 4.04
N LYS A 456 -14.94 10.54 4.48
CA LYS A 456 -14.33 11.52 3.60
C LYS A 456 -12.84 11.26 3.54
N LEU A 457 -12.31 11.12 2.33
CA LEU A 457 -10.89 10.86 2.15
C LEU A 457 -10.09 12.15 2.27
N SER A 458 -8.93 12.06 2.90
CA SER A 458 -8.04 13.20 3.01
C SER A 458 -7.55 13.62 1.63
N LEU A 459 -7.43 14.93 1.43
CA LEU A 459 -6.93 15.49 0.18
C LEU A 459 -5.42 15.68 0.19
N GLY A 460 -4.75 15.39 1.31
CA GLY A 460 -3.33 15.61 1.43
C GLY A 460 -2.47 14.43 0.99
N GLY A 461 -2.71 13.95 -0.23
CA GLY A 461 -1.86 12.91 -0.79
C GLY A 461 -2.25 11.50 -0.44
N LEU A 462 -1.89 11.05 0.77
CA LEU A 462 -2.06 9.65 1.14
C LEU A 462 -3.54 9.29 1.23
N LEU A 463 -3.85 8.05 0.88
CA LEU A 463 -5.22 7.54 0.91
C LEU A 463 -5.56 7.19 2.35
N GLN A 464 -6.08 8.16 3.08
CA GLN A 464 -6.41 8.00 4.50
C GLN A 464 -7.65 8.81 4.80
N PRO A 465 -8.43 8.43 5.82
CA PRO A 465 -9.65 9.17 6.13
C PRO A 465 -9.34 10.59 6.58
N GLU A 466 -10.24 11.51 6.24
CA GLU A 466 -10.11 12.89 6.70
C GLU A 466 -10.10 12.95 8.22
N LYS A 467 -11.09 12.34 8.86
CA LYS A 467 -11.21 12.12 10.30
C LYS A 467 -10.79 10.71 10.63
N PRO A 468 -10.04 10.50 11.71
CA PRO A 468 -9.66 9.13 12.10
C PRO A 468 -10.90 8.29 12.41
N VAL A 469 -10.85 7.03 12.00
CA VAL A 469 -12.03 6.16 12.09
C VAL A 469 -12.25 5.77 13.55
N VAL A 470 -13.38 6.17 14.11
CA VAL A 470 -13.79 5.77 15.45
C VAL A 470 -15.06 4.93 15.33
N LEU A 471 -15.11 3.84 16.08
CA LEU A 471 -16.22 2.91 16.01
C LEU A 471 -16.56 2.38 17.40
N LYS A 472 -17.82 1.99 17.59
CA LYS A 472 -18.24 1.34 18.81
C LYS A 472 -17.93 -0.15 18.71
N VAL A 473 -17.31 -0.69 19.75
CA VAL A 473 -16.92 -2.11 19.79
C VAL A 473 -17.71 -2.78 20.90
N GLU A 474 -18.46 -3.82 20.54
CA GLU A 474 -19.28 -4.58 21.49
C GLU A 474 -18.82 -6.02 21.51
N SER A 475 -18.63 -6.56 22.71
CA SER A 475 -18.22 -7.95 22.85
C SER A 475 -19.37 -8.88 22.49
N ARG A 476 -19.04 -9.94 21.75
CA ARG A 476 -20.04 -10.93 21.37
C ARG A 476 -20.30 -11.91 22.52
CHA HEM B . 5.18 -2.52 -3.80
CHB HEM B . 0.45 -2.58 -2.62
CHC HEM B . 1.69 -4.43 1.69
CHD HEM B . 6.37 -4.67 0.39
C1A HEM B . 3.80 -2.38 -3.86
C2A HEM B . 3.05 -1.90 -5.00
C3A HEM B . 1.75 -1.91 -4.68
C4A HEM B . 1.63 -2.40 -3.33
CMA HEM B . 0.58 -1.48 -5.59
CAA HEM B . 3.65 -1.43 -6.35
CBA HEM B . 3.46 -2.52 -7.40
CGA HEM B . 3.82 -1.99 -8.76
O1A HEM B . 3.44 -2.64 -9.77
O2A HEM B . 4.47 -0.92 -8.83
C1B HEM B . 0.36 -3.07 -1.34
C2B HEM B . -0.85 -3.23 -0.55
C3B HEM B . -0.49 -3.75 0.65
C4B HEM B . 0.94 -3.93 0.64
CMB HEM B . -2.25 -2.85 -1.07
CAB HEM B . -1.36 -4.13 1.87
CBB HEM B . -2.70 -4.09 1.91
C1C HEM B . 3.05 -4.70 1.71
C2C HEM B . 3.77 -5.37 2.78
C3C HEM B . 5.07 -5.44 2.42
C4C HEM B . 5.20 -4.82 1.12
CMC HEM B . 3.09 -5.88 4.07
CAC HEM B . 6.28 -6.04 3.18
CBC HEM B . 6.24 -6.54 4.43
C1D HEM B . 6.47 -4.09 -0.85
C2D HEM B . 7.68 -3.88 -1.61
C3D HEM B . 7.36 -3.28 -2.76
C4D HEM B . 5.91 -3.10 -2.78
CMD HEM B . 9.11 -4.28 -1.15
CAD HEM B . 8.33 -2.88 -3.89
CBD HEM B . 8.66 -4.14 -4.69
CGD HEM B . 9.63 -3.84 -5.81
O1D HEM B . 10.20 -4.81 -6.36
O2D HEM B . 9.83 -2.64 -6.12
NA HEM B . 2.90 -2.67 -2.86
NB HEM B . 1.43 -3.51 -0.58
NC HEM B . 3.94 -4.38 0.72
ND HEM B . 5.42 -3.60 -1.60
FE HEM B . 3.42 -3.55 -1.10
C06 X4E C . 2.63 -1.29 -0.07
C07 X4E C . 4.40 10.83 -1.55
C08 X4E C . 4.24 12.13 -2.03
C09 X4E C . 4.51 12.36 -3.37
C10 X4E C . 4.96 11.28 -4.15
C11 X4E C . 5.12 10.01 -3.56
C12 X4E C . 5.56 8.98 -4.41
C13 X4E C . 5.84 9.18 -5.77
C14 X4E C . 5.68 10.44 -6.32
C15 X4E C . 5.23 11.49 -5.50
C16 X4E C . 4.20 10.50 -0.26
C17 X4E C . 4.42 9.17 0.19
C18 X4E C . 4.07 9.18 1.62
C19 X4E C . 3.65 10.42 2.14
C20 X4E C . 3.26 10.70 3.45
C21 X4E C . 3.29 9.67 4.37
C22 X4E C . 3.69 8.40 3.94
C23 X4E C . 4.06 8.18 2.60
C24 X4E C . 5.33 7.02 0.19
C25 X4E C . 6.23 6.77 1.28
C26 X4E C . 5.90 5.70 2.13
C27 X4E C . 4.27 6.11 0.17
C28 X4E C . 3.31 6.18 -0.80
C29 X4E C . 2.28 5.24 -0.79
C30 X4E C . 1.35 5.35 -1.81
C31 X4E C . 1.49 6.36 -2.77
C32 X4E C . 2.57 7.26 -2.73
C33 X4E C . 2.65 8.23 -3.71
C34 X4E C . 1.70 8.34 -4.73
C35 X4E C . 0.65 7.45 -4.77
C36 X4E C . 0.54 6.45 -3.79
C37 X4E C . 6.63 5.33 3.26
C38 X4E C . 7.78 6.08 3.53
C39 X4E C . 8.14 7.17 2.70
C40 X4E C . 7.37 7.52 1.58
C41 X4E C . 7.20 6.99 -2.70
C42 X4E C . 7.64 8.21 -2.41
C43 X4E C . 7.11 10.12 -1.37
C44 X4E C . 8.32 10.74 -1.71
C45 X4E C . 9.25 9.99 -2.43
C46 X4E C . 8.89 8.69 -2.80
C47 X4E C . 8.01 6.12 -3.43
C48 X4E C . 7.55 4.86 -3.72
C49 X4E C . 6.27 4.56 -3.28
C50 X4E C . 5.55 5.51 -2.56
C51 X4E C . 5.68 3.31 -3.48
C52 X4E C . 6.59 2.34 -1.40
C53 X4E C . 6.47 1.84 -0.10
C54 X4E C . 6.34 0.49 0.19
C55 X4E C . 5.07 -0.08 0.10
C56 X4E C . 4.95 -1.46 -0.04
C58 X4E C . 2.69 0.10 0.08
C59 X4E C . 3.93 0.72 0.17
N01 X4E C . 4.89 9.80 -2.22
N02 X4E C . 3.48 7.13 -1.74
N03 X4E C . 5.99 6.72 -2.19
N04 X4E C . 6.71 8.89 -1.78
N05 X4E C . 5.42 2.78 -2.15
N57 X4E C . 3.74 -2.03 -0.13
O60 X4E C . 7.67 2.41 -1.91
S62 X4E C . 3.63 11.71 0.92
S63 X4E C . 4.38 4.95 1.54
IR61 X4E C . 5.03 8.13 -1.32
#